data_7KKJ
#
_entry.id   7KKJ
#
_cell.length_a   44.569
_cell.length_b   71.253
_cell.length_c   46.430
_cell.angle_alpha   90.000
_cell.angle_beta   114.930
_cell.angle_gamma   90.000
#
_symmetry.space_group_name_H-M   'P 1 21 1'
#
loop_
_entity.id
_entity.type
_entity.pdbx_description
1 polymer 'Synthetic nanobody mNb6'
2 non-polymer 'SULFATE ION'
3 non-polymer 'CHLORIDE ION'
4 water water
#
_entity_poly.entity_id   1
_entity_poly.type   'polypeptide(L)'
_entity_poly.pdbx_seq_one_letter_code
;QVQLVESGGGLVQAGGSLRLSCAASGYIFGRNAMGWYRQAPGKERELVAGITRRGSITYYADSVKGRFTISRDNAKNTVY
LQMNSLKPEDTAVYYCAADPASPAYGDYWGQGTQVTVSSHHHHHH
;
_entity_poly.pdbx_strand_id   A,C
#
# COMPACT_ATOMS: atom_id res chain seq x y z
N GLN A 1 -17.00 20.27 2.54
CA GLN A 1 -17.48 19.93 1.17
C GLN A 1 -17.17 18.45 0.88
N VAL A 2 -15.99 17.99 1.27
CA VAL A 2 -15.67 16.57 1.14
C VAL A 2 -16.26 15.83 2.34
N GLN A 3 -16.98 14.75 2.05
CA GLN A 3 -17.63 13.94 3.07
C GLN A 3 -17.35 12.47 2.81
N LEU A 4 -16.82 11.78 3.81
CA LEU A 4 -16.83 10.32 3.83
C LEU A 4 -17.90 9.89 4.84
N VAL A 5 -18.82 9.03 4.41
CA VAL A 5 -19.90 8.55 5.26
C VAL A 5 -19.81 7.03 5.31
N GLU A 6 -19.66 6.47 6.51
CA GLU A 6 -19.63 5.03 6.68
C GLU A 6 -21.02 4.52 7.06
N SER A 7 -21.28 3.27 6.71
CA SER A 7 -22.47 2.57 7.16
C SER A 7 -22.17 1.08 7.24
N GLY A 8 -23.12 0.33 7.75
CA GLY A 8 -23.06 -1.11 7.71
C GLY A 8 -22.60 -1.75 9.00
N GLY A 9 -22.53 -1.00 10.09
N GLY A 9 -22.54 -1.00 10.10
CA GLY A 9 -22.04 -1.51 11.35
CA GLY A 9 -22.11 -1.53 11.37
C GLY A 9 -23.18 -1.86 12.27
C GLY A 9 -23.26 -2.08 12.17
N GLY A 10 -23.08 -3.03 12.90
N GLY A 10 -22.96 -2.39 13.44
CA GLY A 10 -24.09 -3.45 13.84
CA GLY A 10 -23.94 -2.92 14.35
C GLY A 10 -23.57 -4.54 14.74
C GLY A 10 -23.41 -4.10 15.11
N LEU A 11 -24.45 -4.98 15.64
N LEU A 11 -24.33 -4.93 15.59
CA LEU A 11 -24.14 -6.10 16.53
CA LEU A 11 -24.06 -6.05 16.47
C LEU A 11 -24.29 -7.40 15.76
C LEU A 11 -24.23 -7.34 15.69
N VAL A 12 -23.26 -8.25 15.83
CA VAL A 12 -23.28 -9.52 15.11
C VAL A 12 -22.79 -10.60 16.08
N GLN A 13 -23.17 -11.83 15.76
CA GLN A 13 -22.74 -13.00 16.51
C GLN A 13 -21.44 -13.52 15.95
N ALA A 14 -20.62 -14.10 16.83
CA ALA A 14 -19.33 -14.63 16.41
C ALA A 14 -19.53 -15.66 15.30
N GLY A 15 -18.65 -15.61 14.31
CA GLY A 15 -18.74 -16.44 13.12
C GLY A 15 -19.50 -15.82 11.96
N GLY A 16 -20.28 -14.78 12.21
CA GLY A 16 -21.05 -14.12 11.17
C GLY A 16 -20.22 -13.11 10.38
N SER A 17 -20.92 -12.35 9.55
CA SER A 17 -20.25 -11.45 8.62
C SER A 17 -20.96 -10.11 8.61
N LEU A 18 -20.23 -9.10 8.13
CA LEU A 18 -20.75 -7.75 7.99
C LEU A 18 -20.00 -7.11 6.83
N ARG A 19 -20.67 -6.19 6.15
CA ARG A 19 -20.04 -5.41 5.10
C ARG A 19 -20.10 -3.96 5.52
N LEU A 20 -18.93 -3.33 5.63
CA LEU A 20 -18.89 -1.89 5.88
C LEU A 20 -18.79 -1.19 4.54
N SER A 21 -19.45 -0.04 4.42
CA SER A 21 -19.33 0.78 3.23
C SER A 21 -18.91 2.19 3.61
N CYS A 22 -18.15 2.81 2.73
N CYS A 22 -18.05 2.79 2.79
CA CYS A 22 -17.64 4.18 2.89
CA CYS A 22 -17.73 4.20 2.94
C CYS A 22 -17.99 4.95 1.62
C CYS A 22 -18.06 4.90 1.64
N ALA A 23 -18.95 5.87 1.72
CA ALA A 23 -19.47 6.61 0.58
C ALA A 23 -18.94 8.04 0.61
N ALA A 24 -18.43 8.50 -0.51
CA ALA A 24 -17.80 9.81 -0.57
C ALA A 24 -18.68 10.76 -1.36
N SER A 25 -18.73 12.00 -0.92
CA SER A 25 -19.29 13.10 -1.69
C SER A 25 -18.26 14.23 -1.70
N GLY A 26 -18.30 15.04 -2.75
CA GLY A 26 -17.30 16.06 -2.97
C GLY A 26 -15.92 15.53 -3.31
N TYR A 27 -15.80 14.27 -3.70
CA TYR A 27 -14.51 13.60 -3.85
C TYR A 27 -14.76 12.25 -4.50
N ILE A 28 -13.81 11.82 -5.34
N ILE A 28 -13.81 11.83 -5.35
CA ILE A 28 -13.88 10.51 -6.00
CA ILE A 28 -13.85 10.52 -6.01
C ILE A 28 -12.74 9.65 -5.48
C ILE A 28 -12.72 9.67 -5.42
N PHE A 29 -13.07 8.47 -4.94
CA PHE A 29 -12.05 7.53 -4.51
C PHE A 29 -11.05 7.27 -5.62
N GLY A 30 -11.55 6.97 -6.82
CA GLY A 30 -10.69 6.75 -7.97
C GLY A 30 -9.67 5.69 -7.67
N ARG A 31 -8.43 5.92 -8.10
CA ARG A 31 -7.30 5.08 -7.73
C ARG A 31 -6.50 5.67 -6.59
N ASN A 32 -7.09 6.59 -5.83
CA ASN A 32 -6.37 7.16 -4.69
C ASN A 32 -6.17 6.08 -3.64
N ALA A 33 -5.13 6.26 -2.83
CA ALA A 33 -4.91 5.36 -1.72
C ALA A 33 -5.96 5.62 -0.64
N MET A 34 -6.37 4.53 0.03
CA MET A 34 -7.34 4.62 1.10
C MET A 34 -7.12 3.44 2.02
N GLY A 35 -7.74 3.50 3.19
CA GLY A 35 -7.61 2.42 4.15
C GLY A 35 -8.79 2.39 5.09
N TRP A 36 -8.93 1.23 5.73
CA TRP A 36 -9.86 1.02 6.84
C TRP A 36 -9.06 0.90 8.13
N TYR A 37 -9.48 1.65 9.15
CA TYR A 37 -8.84 1.66 10.46
C TYR A 37 -9.83 1.16 11.50
N ARG A 38 -9.32 0.67 12.62
CA ARG A 38 -10.18 0.30 13.74
C ARG A 38 -9.51 0.60 15.07
N GLN A 39 -10.34 0.97 16.05
CA GLN A 39 -9.91 1.25 17.41
C GLN A 39 -10.72 0.39 18.36
N ALA A 40 -10.12 -0.63 18.90
CA ALA A 40 -10.76 -1.57 19.80
C ALA A 40 -10.72 -1.04 21.22
N PRO A 41 -11.56 -1.56 22.12
CA PRO A 41 -11.57 -1.04 23.49
C PRO A 41 -10.21 -1.20 24.15
N GLY A 42 -9.75 -0.13 24.77
CA GLY A 42 -8.46 -0.12 25.42
C GLY A 42 -7.27 -0.04 24.50
N LYS A 43 -7.47 0.06 23.19
CA LYS A 43 -6.36 0.01 22.25
C LYS A 43 -6.28 1.28 21.41
N GLU A 44 -5.11 1.50 20.85
CA GLU A 44 -4.92 2.57 19.88
C GLU A 44 -5.54 2.16 18.54
N ARG A 45 -5.89 3.16 17.75
CA ARG A 45 -6.41 2.91 16.41
C ARG A 45 -5.32 2.33 15.52
N GLU A 46 -5.68 1.31 14.74
CA GLU A 46 -4.72 0.60 13.92
C GLU A 46 -5.29 0.38 12.53
N LEU A 47 -4.40 0.27 11.55
CA LEU A 47 -4.79 0.01 10.18
C LEU A 47 -5.08 -1.48 9.98
N VAL A 48 -6.21 -1.76 9.31
CA VAL A 48 -6.71 -3.11 9.15
C VAL A 48 -6.54 -3.61 7.71
N ALA A 49 -6.83 -2.74 6.74
CA ALA A 49 -6.77 -3.09 5.32
C ALA A 49 -6.66 -1.79 4.54
N GLY A 50 -5.99 -1.85 3.40
CA GLY A 50 -5.82 -0.68 2.58
C GLY A 50 -5.56 -1.02 1.13
N ILE A 51 -5.70 -0.02 0.27
CA ILE A 51 -5.33 -0.14 -1.12
C ILE A 51 -4.27 0.92 -1.40
N THR A 52 -3.24 0.52 -2.13
CA THR A 52 -2.22 1.48 -2.54
C THR A 52 -2.76 2.33 -3.68
N ARG A 53 -2.20 3.53 -3.82
CA ARG A 53 -2.30 4.26 -5.07
C ARG A 53 -1.55 3.51 -6.16
N ARG A 54 -0.24 3.31 -5.95
CA ARG A 54 0.64 2.66 -6.91
C ARG A 54 0.24 1.20 -7.10
N GLY A 55 -0.25 0.86 -8.28
CA GLY A 55 -0.60 -0.51 -8.60
C GLY A 55 -1.87 -1.03 -7.97
N SER A 56 -2.53 -0.26 -7.12
CA SER A 56 -3.81 -0.65 -6.51
C SER A 56 -3.71 -2.03 -5.85
N ILE A 57 -2.73 -2.15 -4.98
CA ILE A 57 -2.46 -3.42 -4.29
C ILE A 57 -3.16 -3.39 -2.94
N THR A 58 -3.95 -4.43 -2.68
CA THR A 58 -4.59 -4.53 -1.37
C THR A 58 -3.63 -5.17 -0.37
N TYR A 59 -3.74 -4.75 0.89
CA TYR A 59 -2.95 -5.29 1.98
C TYR A 59 -3.81 -5.34 3.24
N TYR A 60 -3.42 -6.22 4.15
CA TYR A 60 -4.21 -6.58 5.30
C TYR A 60 -3.29 -6.80 6.50
N ALA A 61 -3.72 -6.31 7.66
CA ALA A 61 -3.11 -6.71 8.92
C ALA A 61 -3.18 -8.21 9.07
N ASP A 62 -2.15 -8.79 9.69
CA ASP A 62 -2.10 -10.24 9.87
C ASP A 62 -3.36 -10.73 10.57
N SER A 63 -3.85 -9.96 11.55
CA SER A 63 -5.00 -10.39 12.35
C SER A 63 -6.30 -10.49 11.56
N VAL A 64 -6.37 -10.00 10.33
CA VAL A 64 -7.58 -10.07 9.53
C VAL A 64 -7.39 -10.79 8.21
N LYS A 65 -6.17 -11.21 7.88
CA LYS A 65 -5.91 -11.87 6.61
C LYS A 65 -6.76 -13.14 6.47
N GLY A 66 -7.29 -13.35 5.26
CA GLY A 66 -8.13 -14.49 4.97
C GLY A 66 -9.55 -14.35 5.44
N ARG A 67 -9.87 -13.33 6.23
CA ARG A 67 -11.22 -13.09 6.72
C ARG A 67 -11.82 -11.80 6.19
N PHE A 68 -11.04 -10.73 6.00
CA PHE A 68 -11.55 -9.46 5.53
C PHE A 68 -11.12 -9.23 4.09
N THR A 69 -12.00 -8.59 3.31
CA THR A 69 -11.69 -8.23 1.94
C THR A 69 -12.13 -6.80 1.68
N ILE A 70 -11.23 -6.01 1.14
CA ILE A 70 -11.49 -4.63 0.75
C ILE A 70 -11.84 -4.64 -0.73
N SER A 71 -12.82 -3.85 -1.12
CA SER A 71 -13.19 -3.71 -2.51
C SER A 71 -13.61 -2.28 -2.77
N ARG A 72 -13.45 -1.86 -4.01
CA ARG A 72 -13.76 -0.49 -4.44
C ARG A 72 -14.71 -0.60 -5.62
N ASP A 73 -15.77 0.21 -5.61
CA ASP A 73 -16.78 0.20 -6.68
C ASP A 73 -16.80 1.60 -7.27
N ASN A 74 -16.10 1.78 -8.40
CA ASN A 74 -15.97 3.12 -8.96
C ASN A 74 -17.31 3.69 -9.39
N ALA A 75 -18.17 2.86 -10.01
CA ALA A 75 -19.49 3.32 -10.42
C ALA A 75 -20.27 3.87 -9.24
N LYS A 76 -20.13 3.27 -8.05
CA LYS A 76 -20.83 3.78 -6.86
C LYS A 76 -19.97 4.73 -6.02
N ASN A 77 -18.74 5.00 -6.42
CA ASN A 77 -17.84 5.86 -5.64
C ASN A 77 -17.87 5.46 -4.17
N THR A 78 -17.81 4.16 -3.93
CA THR A 78 -17.95 3.59 -2.60
C THR A 78 -16.89 2.51 -2.43
N VAL A 79 -16.30 2.47 -1.24
CA VAL A 79 -15.38 1.42 -0.86
C VAL A 79 -16.02 0.56 0.23
N TYR A 80 -15.84 -0.76 0.12
CA TYR A 80 -16.38 -1.71 1.07
C TYR A 80 -15.30 -2.43 1.85
N LEU A 81 -15.68 -2.86 3.05
CA LEU A 81 -14.88 -3.80 3.83
C LEU A 81 -15.77 -4.98 4.18
N GLN A 82 -15.51 -6.13 3.54
CA GLN A 82 -16.28 -7.35 3.80
C GLN A 82 -15.62 -8.10 4.96
N MET A 83 -16.33 -8.21 6.07
CA MET A 83 -15.81 -8.87 7.27
C MET A 83 -16.54 -10.21 7.44
N ASN A 84 -15.79 -11.30 7.27
CA ASN A 84 -16.29 -12.66 7.46
C ASN A 84 -15.64 -13.25 8.71
N SER A 85 -16.28 -14.30 9.24
CA SER A 85 -15.78 -15.06 10.39
C SER A 85 -15.38 -14.15 11.55
N LEU A 86 -16.27 -13.24 11.89
CA LEU A 86 -15.96 -12.23 12.89
C LEU A 86 -15.74 -12.86 14.25
N LYS A 87 -14.77 -12.31 14.98
CA LYS A 87 -14.43 -12.73 16.31
C LYS A 87 -14.72 -11.60 17.30
N PRO A 88 -14.96 -11.93 18.56
CA PRO A 88 -15.14 -10.86 19.56
C PRO A 88 -14.04 -9.84 19.54
N GLU A 89 -12.80 -10.27 19.23
CA GLU A 89 -11.66 -9.35 19.17
C GLU A 89 -11.81 -8.31 18.07
N ASP A 90 -12.72 -8.52 17.12
CA ASP A 90 -12.94 -7.56 16.06
C ASP A 90 -13.81 -6.38 16.50
N THR A 91 -14.38 -6.43 17.69
CA THR A 91 -15.22 -5.35 18.17
C THR A 91 -14.43 -4.06 18.30
N ALA A 92 -14.97 -2.98 17.74
CA ALA A 92 -14.24 -1.74 17.65
C ALA A 92 -15.04 -0.70 16.88
N VAL A 93 -14.55 0.52 16.94
CA VAL A 93 -14.97 1.56 16.01
C VAL A 93 -14.12 1.44 14.76
N TYR A 94 -14.77 1.31 13.62
CA TYR A 94 -14.12 1.17 12.32
C TYR A 94 -14.22 2.48 11.55
N TYR A 95 -13.13 2.85 10.90
CA TYR A 95 -13.02 4.12 10.21
C TYR A 95 -12.46 3.90 8.82
N CYS A 96 -12.90 4.72 7.88
N CYS A 96 -12.91 4.73 7.89
CA CYS A 96 -12.29 4.75 6.55
CA CYS A 96 -12.33 4.80 6.55
C CYS A 96 -11.57 6.08 6.38
C CYS A 96 -11.53 6.07 6.44
N ALA A 97 -10.49 6.04 5.60
CA ALA A 97 -9.65 7.18 5.34
C ALA A 97 -9.23 7.08 3.89
N ALA A 98 -9.16 8.23 3.22
CA ALA A 98 -8.80 8.28 1.81
C ALA A 98 -7.79 9.40 1.60
N ASP A 99 -6.85 9.17 0.69
CA ASP A 99 -5.88 10.19 0.31
C ASP A 99 -6.52 11.23 -0.60
N PRO A 100 -6.40 12.52 -0.27
CA PRO A 100 -6.83 13.54 -1.25
C PRO A 100 -6.02 13.44 -2.52
N ALA A 101 -6.63 13.89 -3.62
N ALA A 101 -6.64 13.83 -3.63
CA ALA A 101 -5.99 13.76 -4.93
CA ALA A 101 -5.92 13.91 -4.89
C ALA A 101 -4.83 14.74 -5.11
C ALA A 101 -4.88 15.01 -4.87
N SER A 102 -4.78 15.81 -4.33
N SER A 102 -4.86 15.85 -3.83
CA SER A 102 -3.80 16.89 -4.51
CA SER A 102 -3.94 16.97 -3.67
C SER A 102 -3.03 17.08 -3.21
C SER A 102 -3.03 16.71 -2.47
N PRO A 103 -2.13 18.07 -3.10
N PRO A 103 -2.20 17.68 -2.03
CA PRO A 103 -1.27 18.12 -1.91
CA PRO A 103 -1.24 17.39 -0.94
C PRO A 103 -2.07 18.54 -0.69
C PRO A 103 -1.86 17.43 0.45
N ALA A 104 -1.75 17.92 0.44
N ALA A 104 -2.49 18.55 0.82
CA ALA A 104 -2.46 18.26 1.66
CA ALA A 104 -3.36 18.61 1.98
C ALA A 104 -1.77 17.59 2.84
C ALA A 104 -2.69 18.54 3.35
N TYR A 105 -1.81 18.27 3.98
N TYR A 105 -1.78 17.58 3.55
CA TYR A 105 -1.50 17.63 5.26
CA TYR A 105 -1.08 17.31 4.81
C TYR A 105 -2.81 16.97 5.71
C TYR A 105 -1.78 16.22 5.62
N GLY A 106 -2.80 15.65 5.78
N GLY A 106 -3.05 15.94 5.32
CA GLY A 106 -3.95 14.95 6.31
CA GLY A 106 -3.81 14.93 6.04
C GLY A 106 -4.80 14.28 5.24
C GLY A 106 -4.83 14.28 5.14
N ASP A 107 -5.49 13.23 5.65
CA ASP A 107 -6.42 12.50 4.83
C ASP A 107 -7.85 12.97 5.11
N TYR A 108 -8.77 12.47 4.30
CA TYR A 108 -10.19 12.55 4.57
C TYR A 108 -10.62 11.33 5.39
N TRP A 109 -11.39 11.57 6.43
CA TRP A 109 -11.80 10.54 7.37
C TRP A 109 -13.32 10.47 7.45
N GLY A 110 -13.86 9.26 7.49
CA GLY A 110 -15.25 9.08 7.84
C GLY A 110 -15.47 9.28 9.32
N GLN A 111 -16.74 9.26 9.72
CA GLN A 111 -17.10 9.51 11.11
C GLN A 111 -16.84 8.32 12.02
N GLY A 112 -16.79 7.12 11.48
CA GLY A 112 -16.57 5.93 12.30
C GLY A 112 -17.88 5.23 12.59
N THR A 113 -17.83 3.91 12.67
CA THR A 113 -19.02 3.14 12.95
C THR A 113 -18.69 1.93 13.82
N GLN A 114 -19.56 1.69 14.80
CA GLN A 114 -19.36 0.64 15.76
C GLN A 114 -19.73 -0.72 15.20
N VAL A 115 -18.82 -1.66 15.37
CA VAL A 115 -19.01 -3.06 15.04
C VAL A 115 -18.82 -3.83 16.33
N THR A 116 -19.83 -4.58 16.72
CA THR A 116 -19.79 -5.34 17.97
C THR A 116 -20.05 -6.79 17.63
N VAL A 117 -19.13 -7.66 18.03
CA VAL A 117 -19.22 -9.09 17.81
C VAL A 117 -19.43 -9.77 19.16
N SER A 118 -20.53 -10.52 19.28
CA SER A 118 -20.83 -11.18 20.54
C SER A 118 -20.25 -12.59 20.59
N GLN B 1 18.41 19.26 -10.83
CA GLN B 1 18.50 17.94 -11.52
C GLN B 1 18.33 16.77 -10.54
N VAL B 2 17.16 16.16 -10.54
CA VAL B 2 16.94 14.97 -9.74
C VAL B 2 17.58 13.79 -10.43
N GLN B 3 18.16 12.90 -9.65
CA GLN B 3 18.72 11.68 -10.21
C GLN B 3 18.54 10.54 -9.21
N LEU B 4 17.89 9.47 -9.65
CA LEU B 4 17.89 8.20 -8.94
C LEU B 4 18.87 7.27 -9.65
N VAL B 5 19.76 6.65 -8.89
CA VAL B 5 20.74 5.72 -9.45
C VAL B 5 20.59 4.40 -8.73
N GLU B 6 20.30 3.36 -9.49
CA GLU B 6 20.28 2.01 -8.97
C GLU B 6 21.68 1.42 -8.98
N SER B 7 21.87 0.41 -8.16
CA SER B 7 23.07 -0.41 -8.21
C SER B 7 22.79 -1.71 -7.48
N GLY B 8 23.76 -2.61 -7.52
CA GLY B 8 23.69 -3.85 -6.79
C GLY B 8 23.22 -5.04 -7.58
N GLY B 9 23.01 -4.90 -8.89
CA GLY B 9 22.61 -6.00 -9.72
C GLY B 9 23.78 -6.90 -10.12
N GLY B 10 23.46 -7.93 -10.89
CA GLY B 10 24.46 -8.81 -11.44
C GLY B 10 23.92 -10.21 -11.64
N LEU B 11 24.84 -11.14 -11.81
CA LEU B 11 24.53 -12.55 -12.02
C LEU B 11 24.62 -13.28 -10.69
N VAL B 12 23.57 -14.04 -10.38
CA VAL B 12 23.51 -14.76 -9.12
C VAL B 12 22.93 -16.15 -9.34
N GLN B 13 23.29 -17.07 -8.47
CA GLN B 13 22.83 -18.45 -8.57
C GLN B 13 21.46 -18.60 -7.92
N ALA B 14 20.67 -19.54 -8.45
CA ALA B 14 19.36 -19.81 -7.89
C ALA B 14 19.48 -20.20 -6.42
N GLY B 15 18.55 -19.69 -5.62
CA GLY B 15 18.63 -19.82 -4.18
C GLY B 15 19.44 -18.74 -3.48
N GLY B 16 20.19 -17.93 -4.23
CA GLY B 16 21.02 -16.89 -3.67
C GLY B 16 20.29 -15.58 -3.41
N SER B 17 21.03 -14.62 -2.85
N SER B 17 21.01 -14.62 -2.84
CA SER B 17 20.50 -13.33 -2.44
CA SER B 17 20.46 -13.33 -2.44
C SER B 17 21.17 -12.21 -3.21
C SER B 17 21.19 -12.20 -3.18
N LEU B 18 20.54 -11.04 -3.18
CA LEU B 18 21.07 -9.84 -3.80
C LEU B 18 20.38 -8.63 -3.19
N ARG B 19 21.12 -7.56 -3.01
CA ARG B 19 20.56 -6.32 -2.48
C ARG B 19 20.69 -5.24 -3.55
N LEU B 20 19.57 -4.69 -3.97
CA LEU B 20 19.58 -3.53 -4.84
C LEU B 20 19.50 -2.25 -4.03
N SER B 21 20.18 -1.22 -4.49
CA SER B 21 20.11 0.10 -3.88
C SER B 21 19.51 1.10 -4.87
N CYS B 22 18.73 2.05 -4.36
CA CYS B 22 18.28 3.20 -5.14
C CYS B 22 18.67 4.47 -4.38
N ALA B 23 19.69 5.16 -4.87
CA ALA B 23 20.21 6.38 -4.26
C ALA B 23 19.69 7.61 -5.01
N ALA B 24 19.28 8.62 -4.27
CA ALA B 24 18.71 9.82 -4.88
C ALA B 24 19.65 10.99 -4.67
N SER B 25 19.83 11.80 -5.71
CA SER B 25 20.47 13.09 -5.58
C SER B 25 19.50 14.15 -6.09
N GLY B 26 19.57 15.33 -5.49
CA GLY B 26 18.65 16.41 -5.79
C GLY B 26 17.25 16.21 -5.26
N TYR B 27 17.05 15.27 -4.33
CA TYR B 27 15.74 14.82 -3.92
C TYR B 27 15.89 13.94 -2.69
N ILE B 28 14.94 14.04 -1.78
CA ILE B 28 14.90 13.24 -0.56
C ILE B 28 13.72 12.27 -0.66
N PHE B 29 14.00 10.96 -0.51
CA PHE B 29 12.91 9.99 -0.40
C PHE B 29 11.94 10.38 0.72
N GLY B 30 12.47 10.75 1.88
CA GLY B 30 11.62 11.18 2.97
C GLY B 30 10.50 10.18 3.23
N ARG B 31 9.28 10.70 3.38
CA ARG B 31 8.09 9.88 3.50
C ARG B 31 7.29 9.82 2.20
N ASN B 32 7.92 10.12 1.06
CA ASN B 32 7.23 10.05 -0.22
C ASN B 32 7.02 8.61 -0.64
N ALA B 33 5.97 8.37 -1.44
CA ALA B 33 5.74 7.02 -1.95
C ALA B 33 6.79 6.67 -3.01
N MET B 34 7.16 5.40 -3.05
CA MET B 34 8.11 4.91 -4.04
C MET B 34 7.81 3.45 -4.31
N GLY B 35 8.38 2.96 -5.40
CA GLY B 35 8.18 1.58 -5.78
C GLY B 35 9.39 1.00 -6.50
N TRP B 36 9.47 -0.33 -6.42
CA TRP B 36 10.40 -1.12 -7.20
C TRP B 36 9.62 -1.84 -8.30
N TYR B 37 10.11 -1.76 -9.52
CA TYR B 37 9.49 -2.39 -10.66
C TYR B 37 10.49 -3.32 -11.32
N ARG B 38 9.98 -4.28 -12.09
CA ARG B 38 10.86 -5.15 -12.86
C ARG B 38 10.20 -5.53 -14.19
N GLN B 39 11.03 -5.65 -15.22
CA GLN B 39 10.60 -6.08 -16.56
C GLN B 39 11.36 -7.36 -16.94
N ALA B 40 10.66 -8.48 -16.93
CA ALA B 40 11.28 -9.75 -17.28
C ALA B 40 11.26 -9.95 -18.78
N PRO B 41 12.11 -10.82 -19.31
CA PRO B 41 12.14 -11.05 -20.76
C PRO B 41 10.76 -11.44 -21.27
N GLY B 42 10.38 -10.84 -22.40
CA GLY B 42 9.08 -11.08 -23.01
C GLY B 42 7.90 -10.44 -22.33
N LYS B 43 8.09 -9.79 -21.18
CA LYS B 43 6.98 -9.31 -20.35
C LYS B 43 6.99 -7.80 -20.23
N GLU B 44 5.81 -7.27 -19.88
CA GLU B 44 5.68 -5.87 -19.52
C GLU B 44 6.26 -5.62 -18.13
N ARG B 45 6.61 -4.35 -17.88
CA ARG B 45 7.16 -3.96 -16.58
C ARG B 45 6.07 -4.01 -15.52
N GLU B 46 6.41 -4.59 -14.36
CA GLU B 46 5.44 -4.81 -13.30
C GLU B 46 5.97 -4.34 -11.97
N LEU B 47 5.04 -3.91 -11.11
CA LEU B 47 5.36 -3.48 -9.75
C LEU B 47 5.64 -4.68 -8.84
N VAL B 48 6.74 -4.60 -8.09
CA VAL B 48 7.18 -5.69 -7.24
C VAL B 48 6.97 -5.38 -5.76
N ALA B 49 7.29 -4.16 -5.34
CA ALA B 49 7.17 -3.74 -3.95
C ALA B 49 7.21 -2.23 -3.90
N GLY B 50 6.58 -1.65 -2.89
CA GLY B 50 6.62 -0.22 -2.71
C GLY B 50 6.48 0.20 -1.27
N ILE B 51 6.47 1.51 -1.07
CA ILE B 51 6.15 2.14 0.21
C ILE B 51 5.04 3.16 -0.04
N THR B 52 3.99 3.12 0.78
CA THR B 52 2.94 4.12 0.65
C THR B 52 3.38 5.43 1.27
N ARG B 53 2.67 6.51 0.90
CA ARG B 53 2.93 7.80 1.51
C ARG B 53 2.33 7.86 2.91
N ARG B 54 1.02 7.65 3.02
CA ARG B 54 0.37 7.61 4.32
C ARG B 54 0.72 6.32 5.04
N GLY B 55 1.21 6.44 6.28
CA GLY B 55 1.52 5.31 7.11
C GLY B 55 2.85 4.66 6.81
N SER B 56 3.46 4.94 5.66
CA SER B 56 4.75 4.35 5.30
C SER B 56 4.67 2.82 5.37
N ILE B 57 3.59 2.29 4.80
CA ILE B 57 3.37 0.85 4.75
C ILE B 57 4.14 0.27 3.56
N THR B 58 4.94 -0.76 3.83
CA THR B 58 5.58 -1.52 2.77
C THR B 58 4.62 -2.61 2.28
N TYR B 59 4.66 -2.87 0.96
CA TYR B 59 3.77 -3.86 0.36
C TYR B 59 4.52 -4.57 -0.77
N TYR B 60 3.99 -5.73 -1.16
CA TYR B 60 4.69 -6.66 -2.03
C TYR B 60 3.71 -7.31 -2.98
N ALA B 61 4.14 -7.49 -4.24
CA ALA B 61 3.43 -8.38 -5.15
C ALA B 61 3.47 -9.80 -4.64
N ASP B 62 2.43 -10.59 -4.96
CA ASP B 62 2.37 -11.96 -4.46
C ASP B 62 3.59 -12.77 -4.87
N SER B 63 4.14 -12.51 -6.05
CA SER B 63 5.24 -13.31 -6.54
C SER B 63 6.54 -13.13 -5.76
N VAL B 64 6.61 -12.19 -4.82
CA VAL B 64 7.87 -11.92 -4.12
C VAL B 64 7.70 -11.98 -2.61
N LYS B 65 6.46 -12.13 -2.13
CA LYS B 65 6.23 -12.12 -0.70
C LYS B 65 7.02 -13.21 0.00
N GLY B 66 7.54 -12.88 1.18
CA GLY B 66 8.34 -13.80 1.96
C GLY B 66 9.76 -13.93 1.50
N ARG B 67 10.12 -13.29 0.39
CA ARG B 67 11.47 -13.41 -0.15
C ARG B 67 12.16 -12.07 -0.32
N PHE B 68 11.41 -11.03 -0.72
CA PHE B 68 11.94 -9.69 -0.92
C PHE B 68 11.54 -8.80 0.25
N THR B 69 12.42 -7.88 0.61
CA THR B 69 12.15 -6.91 1.65
C THR B 69 12.69 -5.56 1.22
N ILE B 70 11.86 -4.54 1.30
CA ILE B 70 12.24 -3.17 1.01
C ILE B 70 12.51 -2.47 2.32
N SER B 71 13.52 -1.61 2.33
CA SER B 71 13.82 -0.81 3.50
C SER B 71 14.37 0.53 3.02
N ARG B 72 14.04 1.59 3.75
CA ARG B 72 14.45 2.95 3.42
C ARG B 72 15.42 3.45 4.48
N ASP B 73 16.56 3.95 4.05
CA ASP B 73 17.58 4.48 4.96
C ASP B 73 17.63 5.99 4.78
N ASN B 74 17.00 6.72 5.70
CA ASN B 74 16.87 8.16 5.52
C ASN B 74 18.22 8.84 5.62
N ALA B 75 19.05 8.43 6.59
CA ALA B 75 20.38 9.01 6.74
C ALA B 75 21.19 8.91 5.45
N LYS B 76 21.10 7.78 4.74
CA LYS B 76 21.77 7.62 3.45
C LYS B 76 20.89 8.01 2.27
N ASN B 77 19.67 8.45 2.51
CA ASN B 77 18.77 8.87 1.43
C ASN B 77 18.77 7.82 0.32
N THR B 78 18.65 6.57 0.73
CA THR B 78 18.77 5.44 -0.17
C THR B 78 17.69 4.44 0.19
N VAL B 79 17.07 3.84 -0.82
CA VAL B 79 16.11 2.76 -0.61
C VAL B 79 16.72 1.46 -1.13
N TYR B 80 16.48 0.37 -0.40
CA TYR B 80 17.04 -0.93 -0.73
C TYR B 80 15.95 -1.94 -1.03
N LEU B 81 16.28 -2.88 -1.90
CA LEU B 81 15.42 -4.02 -2.18
C LEU B 81 16.27 -5.27 -1.92
N GLN B 82 16.04 -5.90 -0.77
CA GLN B 82 16.70 -7.15 -0.44
C GLN B 82 15.96 -8.32 -1.08
N MET B 83 16.65 -9.08 -1.93
CA MET B 83 16.05 -10.18 -2.67
C MET B 83 16.71 -11.49 -2.24
N ASN B 84 15.97 -12.32 -1.50
CA ASN B 84 16.42 -13.63 -1.06
C ASN B 84 15.71 -14.72 -1.84
N SER B 85 16.23 -15.94 -1.70
CA SER B 85 15.72 -17.14 -2.37
C SER B 85 15.38 -16.88 -3.85
N LEU B 86 16.35 -16.32 -4.56
CA LEU B 86 16.11 -15.88 -5.92
C LEU B 86 15.83 -17.07 -6.83
N LYS B 87 14.95 -16.85 -7.80
CA LYS B 87 14.58 -17.87 -8.76
C LYS B 87 14.89 -17.39 -10.18
N PRO B 88 15.19 -18.31 -11.09
CA PRO B 88 15.38 -17.91 -12.49
C PRO B 88 14.31 -16.95 -13.01
N GLU B 89 13.07 -17.12 -12.56
CA GLU B 89 11.97 -16.27 -13.01
C GLU B 89 12.14 -14.83 -12.56
N ASP B 90 12.97 -14.56 -11.56
CA ASP B 90 13.22 -13.20 -11.12
C ASP B 90 14.17 -12.44 -12.05
N THR B 91 14.74 -13.11 -13.06
CA THR B 91 15.63 -12.45 -14.00
C THR B 91 14.88 -11.33 -14.72
N ALA B 92 15.45 -10.12 -14.72
CA ALA B 92 14.73 -8.95 -15.18
C ALA B 92 15.58 -7.70 -15.00
N VAL B 93 15.23 -6.67 -15.73
CA VAL B 93 15.67 -5.33 -15.40
C VAL B 93 14.81 -4.79 -14.27
N TYR B 94 15.44 -4.29 -13.21
CA TYR B 94 14.75 -3.78 -12.05
C TYR B 94 14.89 -2.27 -11.98
N TYR B 95 13.79 -1.60 -11.66
CA TYR B 95 13.73 -0.15 -11.66
C TYR B 95 13.18 0.33 -10.33
N CYS B 96 13.71 1.44 -9.84
N CYS B 96 13.66 1.48 -9.91
CA CYS B 96 13.06 2.14 -8.74
CA CYS B 96 13.16 2.21 -8.76
C CYS B 96 12.37 3.38 -9.30
C CYS B 96 12.44 3.47 -9.26
N ALA B 97 11.38 3.85 -8.55
CA ALA B 97 10.61 5.03 -8.90
C ALA B 97 10.09 5.67 -7.62
N ALA B 98 10.12 7.01 -7.58
CA ALA B 98 9.70 7.76 -6.41
C ALA B 98 8.79 8.92 -6.82
N ASP B 99 7.90 9.29 -5.91
CA ASP B 99 7.00 10.43 -6.10
C ASP B 99 7.72 11.73 -5.83
N PRO B 100 7.60 12.74 -6.69
CA PRO B 100 8.02 14.09 -6.30
C PRO B 100 7.24 14.60 -5.10
N ALA B 101 7.89 15.44 -4.32
CA ALA B 101 7.24 15.96 -3.12
C ALA B 101 6.10 16.90 -3.48
N SER B 102 6.23 17.64 -4.59
CA SER B 102 5.19 18.53 -5.11
C SER B 102 4.37 17.85 -6.19
N PRO B 103 3.20 18.39 -6.52
CA PRO B 103 2.37 17.76 -7.56
C PRO B 103 3.08 17.72 -8.90
N ALA B 104 3.01 16.57 -9.57
CA ALA B 104 3.61 16.40 -10.87
C ALA B 104 2.81 15.37 -11.66
N TYR B 105 3.07 15.31 -12.96
CA TYR B 105 2.38 14.37 -13.82
C TYR B 105 3.03 13.01 -13.87
N GLY B 106 4.24 12.87 -13.32
CA GLY B 106 4.95 11.61 -13.34
C GLY B 106 5.90 11.48 -12.16
N ASP B 107 6.55 10.32 -12.11
CA ASP B 107 7.48 9.98 -11.05
C ASP B 107 8.92 10.20 -11.51
N TYR B 108 9.84 10.22 -10.53
CA TYR B 108 11.26 10.11 -10.84
C TYR B 108 11.63 8.65 -10.98
N TRP B 109 12.41 8.33 -12.01
CA TRP B 109 12.79 6.97 -12.31
C TRP B 109 14.31 6.81 -12.34
N GLY B 110 14.78 5.65 -11.86
CA GLY B 110 16.17 5.27 -12.02
C GLY B 110 16.41 4.63 -13.39
N GLN B 111 17.69 4.37 -13.68
CA GLN B 111 18.08 3.92 -15.00
C GLN B 111 17.85 2.43 -15.23
N GLY B 112 17.63 1.65 -14.17
CA GLY B 112 17.39 0.23 -14.33
C GLY B 112 18.68 -0.57 -14.21
N THR B 113 18.61 -1.74 -13.58
CA THR B 113 19.80 -2.56 -13.43
C THR B 113 19.44 -4.02 -13.65
N GLN B 114 20.21 -4.66 -14.54
CA GLN B 114 19.98 -6.05 -14.90
C GLN B 114 20.33 -6.97 -13.73
N VAL B 115 19.41 -7.88 -13.46
CA VAL B 115 19.55 -8.92 -12.45
C VAL B 115 19.31 -10.25 -13.16
N THR B 116 20.23 -11.18 -12.98
CA THR B 116 20.16 -12.47 -13.65
C THR B 116 20.36 -13.58 -12.63
N VAL B 117 19.43 -14.52 -12.62
CA VAL B 117 19.46 -15.67 -11.73
C VAL B 117 19.59 -16.92 -12.59
N SER B 118 20.60 -17.73 -12.30
CA SER B 118 20.93 -18.87 -13.14
C SER B 118 20.68 -20.20 -12.44
N SER B 119 21.25 -21.26 -13.00
CA SER B 119 21.25 -22.61 -12.44
C SER B 119 19.91 -23.00 -11.85
#